data_4OQR
#
_entry.id   4OQR
#
_cell.length_a   39.360
_cell.length_b   86.810
_cell.length_c   139.630
_cell.angle_alpha   90.00
_cell.angle_beta   90.00
_cell.angle_gamma   90.00
#
_symmetry.space_group_name_H-M   'P 21 21 21'
#
loop_
_entity.id
_entity.type
_entity.pdbx_description
1 polymer CYP105AS1
2 non-polymer 'PROTOPORPHYRIN IX CONTAINING FE'
3 non-polymer 'Mevastatin, Compactin'
4 water water
#
_entity_poly.entity_id   1
_entity_poly.type   'polypeptide(L)'
_entity_poly.pdbx_seq_one_letter_code
;MGGSHHHHHHGMASMTGGQQMGRDLYDDDDKDRWGSELEMRVDSENMNEPVTLPTGRAVGYPFDPPPDLVKLPPVSPMRF
PDGHIGWLVTSHAAARTVMIDPRFSNRPEHKHPVFSVIPRPGGATKAPAPGWFTNMDAPEHTRYRRMLISQFTVRRIKEL
EPRIVRITEDHLDAMAKAGPPVDLVQAFALPVPSLVICELLGVSYADHAFFQEQTTIMVSVDKTQDEVTTALGKLTRYIA
ELVATKRLSPKDDLLGSLITDTDLTDEELTNIALILLVAGHETTANMLGLGTFALLQHPEQIANLDSPDAVEELLRYLSI
VHLGTPNRAALEDVELEGQMIRKGDTVAIGLPAVNRDPKVFDEPDILQLDRVDARKHAAFGGGIHQCLGQQLARVEMRIG
FTRLFARFPSLRLAVPAEEIKLREKSAAYGVWALPVAWDALGIRSLAVLADERRFSA
;
_entity_poly.pdbx_strand_id   A
#
# COMPACT_ATOMS: atom_id res chain seq x y z
N PRO A 50 -22.13 18.71 0.13
CA PRO A 50 -20.88 18.05 -0.20
C PRO A 50 -20.01 17.95 1.01
N VAL A 51 -19.47 16.78 1.25
CA VAL A 51 -18.55 16.64 2.35
C VAL A 51 -17.11 16.78 1.92
N THR A 52 -16.28 17.04 2.90
CA THR A 52 -14.87 17.04 2.74
C THR A 52 -14.41 15.57 3.00
N LEU A 53 -13.35 15.10 2.32
CA LEU A 53 -12.84 13.72 2.57
C LEU A 53 -12.67 13.49 4.05
N PRO A 54 -13.35 12.50 4.62
CA PRO A 54 -13.15 12.31 6.05
C PRO A 54 -11.73 11.91 6.44
N THR A 55 -11.36 12.29 7.65
CA THR A 55 -10.00 12.20 8.02
C THR A 55 -9.67 11.75 9.46
N GLY A 56 -10.54 11.96 10.43
CA GLY A 56 -10.15 11.70 11.82
C GLY A 56 -10.53 10.36 12.36
N ARG A 57 -9.55 9.58 12.83
CA ARG A 57 -9.81 8.34 13.52
C ARG A 57 -10.21 8.61 14.95
N ALA A 58 -11.09 7.80 15.54
CA ALA A 58 -11.49 8.02 16.89
C ALA A 58 -10.40 7.56 17.87
N VAL A 59 -10.25 8.30 18.99
CA VAL A 59 -9.30 7.86 20.01
C VAL A 59 -9.78 6.56 20.59
N GLY A 60 -8.85 5.63 20.76
CA GLY A 60 -9.23 4.32 21.25
C GLY A 60 -9.74 3.37 20.17
N TYR A 61 -9.85 3.82 18.91
CA TYR A 61 -10.28 2.88 17.83
C TYR A 61 -9.34 3.08 16.63
N PRO A 62 -8.06 2.80 16.84
CA PRO A 62 -7.07 3.11 15.84
C PRO A 62 -7.18 2.30 14.51
N PHE A 63 -7.88 1.20 14.53
CA PHE A 63 -7.97 0.31 13.34
C PHE A 63 -9.19 0.57 12.52
N ASP A 64 -10.15 1.32 13.08
CA ASP A 64 -11.47 1.43 12.41
C ASP A 64 -11.55 2.70 11.64
N PRO A 65 -12.33 2.70 10.56
CA PRO A 65 -12.38 3.86 9.72
C PRO A 65 -12.88 5.11 10.48
N PRO A 66 -12.55 6.30 9.99
CA PRO A 66 -13.07 7.53 10.59
C PRO A 66 -14.59 7.44 10.72
N PRO A 67 -15.15 7.80 11.87
CA PRO A 67 -16.63 7.92 12.00
C PRO A 67 -17.32 8.72 10.90
N ASP A 68 -16.67 9.78 10.43
CA ASP A 68 -17.24 10.62 9.38
C ASP A 68 -17.27 9.96 8.00
N LEU A 69 -16.52 8.84 7.85
CA LEU A 69 -16.57 8.07 6.62
C LEU A 69 -17.70 7.07 6.68
N VAL A 70 -17.78 6.29 7.76
CA VAL A 70 -18.73 5.18 7.78
C VAL A 70 -20.21 5.60 8.02
N LYS A 71 -20.39 6.85 8.46
CA LYS A 71 -21.75 7.41 8.60
C LYS A 71 -22.41 7.76 7.29
N LEU A 72 -21.65 7.80 6.22
CA LEU A 72 -22.12 8.30 4.96
C LEU A 72 -22.96 7.25 4.22
N PRO A 73 -23.91 7.74 3.36
CA PRO A 73 -24.52 6.90 2.37
C PRO A 73 -23.49 6.28 1.40
N PRO A 74 -23.87 5.26 0.64
CA PRO A 74 -22.97 4.58 -0.29
C PRO A 74 -22.22 5.50 -1.31
N VAL A 75 -22.91 6.51 -1.84
CA VAL A 75 -22.37 7.46 -2.81
C VAL A 75 -22.79 8.88 -2.42
N SER A 76 -21.81 9.72 -2.04
CA SER A 76 -22.04 11.09 -1.51
C SER A 76 -21.29 12.12 -2.31
N PRO A 77 -21.88 13.34 -2.45
CA PRO A 77 -21.15 14.45 -3.02
C PRO A 77 -19.95 14.82 -2.12
N MET A 78 -18.85 15.13 -2.77
CA MET A 78 -17.61 15.45 -2.06
C MET A 78 -16.92 16.67 -2.65
N ARG A 79 -16.42 17.54 -1.79
CA ARG A 79 -15.80 18.80 -2.24
C ARG A 79 -14.30 18.57 -2.34
N PHE A 80 -13.73 18.73 -3.53
CA PHE A 80 -12.27 18.54 -3.67
C PHE A 80 -11.55 19.85 -3.32
N PRO A 81 -10.23 19.77 -3.03
CA PRO A 81 -9.46 20.99 -2.64
C PRO A 81 -9.51 22.15 -3.65
N ASP A 82 -9.64 21.83 -4.94
CA ASP A 82 -9.72 22.77 -6.05
C ASP A 82 -11.16 23.25 -6.39
N GLY A 83 -12.14 22.93 -5.55
CA GLY A 83 -13.52 23.38 -5.78
C GLY A 83 -14.44 22.40 -6.49
N HIS A 84 -13.88 21.49 -7.25
CA HIS A 84 -14.69 20.41 -7.80
C HIS A 84 -15.62 19.73 -6.79
N ILE A 85 -16.88 19.57 -7.16
CA ILE A 85 -17.83 18.75 -6.39
C ILE A 85 -17.94 17.46 -7.20
N GLY A 86 -17.36 16.40 -6.64
CA GLY A 86 -17.41 15.07 -7.23
C GLY A 86 -18.05 14.17 -6.19
N TRP A 87 -17.51 12.96 -6.03
CA TRP A 87 -18.15 11.97 -5.24
C TRP A 87 -17.22 11.15 -4.34
N LEU A 88 -17.79 10.63 -3.24
CA LEU A 88 -17.07 9.70 -2.36
C LEU A 88 -17.93 8.47 -2.21
N VAL A 89 -17.33 7.29 -2.38
CA VAL A 89 -18.01 6.06 -2.42
C VAL A 89 -17.55 5.17 -1.27
N THR A 90 -18.48 4.65 -0.51
CA THR A 90 -18.22 3.75 0.62
C THR A 90 -18.78 2.36 0.49
N SER A 91 -19.63 2.10 -0.49
CA SER A 91 -20.14 0.71 -0.56
C SER A 91 -19.25 -0.11 -1.49
N HIS A 92 -19.19 -1.37 -1.19
CA HIS A 92 -18.36 -2.35 -1.90
C HIS A 92 -18.83 -2.54 -3.31
N ALA A 93 -20.14 -2.58 -3.53
CA ALA A 93 -20.61 -2.77 -4.89
C ALA A 93 -20.29 -1.57 -5.77
N ALA A 94 -20.49 -0.36 -5.26
CA ALA A 94 -20.17 0.86 -6.01
C ALA A 94 -18.63 0.98 -6.25
N ALA A 95 -17.84 0.67 -5.23
CA ALA A 95 -16.37 0.73 -5.37
C ALA A 95 -15.90 -0.23 -6.44
N ARG A 96 -16.41 -1.45 -6.44
CA ARG A 96 -16.13 -2.41 -7.47
C ARG A 96 -16.34 -1.86 -8.87
N THR A 97 -17.50 -1.25 -9.13
CA THR A 97 -17.78 -0.66 -10.44
C THR A 97 -16.81 0.43 -10.83
N VAL A 98 -16.51 1.33 -9.92
CA VAL A 98 -15.51 2.37 -10.19
C VAL A 98 -14.17 1.74 -10.53
N MET A 99 -13.80 0.65 -9.83
CA MET A 99 -12.49 0.05 -10.09
C MET A 99 -12.42 -0.77 -11.40
N ILE A 100 -13.53 -1.34 -11.87
CA ILE A 100 -13.43 -2.22 -13.00
C ILE A 100 -14.07 -1.70 -14.32
N ASP A 101 -14.93 -0.69 -14.24
CA ASP A 101 -15.72 -0.27 -15.39
C ASP A 101 -14.91 0.65 -16.30
N PRO A 102 -14.93 0.41 -17.66
CA PRO A 102 -14.10 1.18 -18.58
C PRO A 102 -14.52 2.64 -18.78
N ARG A 103 -15.66 3.04 -18.23
CA ARG A 103 -16.06 4.40 -18.28
C ARG A 103 -15.32 5.28 -17.31
N PHE A 104 -14.35 4.72 -16.56
CA PHE A 104 -13.67 5.50 -15.56
C PHE A 104 -12.23 5.60 -15.99
N SER A 105 -11.64 6.79 -15.84
CA SER A 105 -10.26 6.98 -16.20
C SER A 105 -9.35 7.33 -15.01
N ASN A 106 -8.09 6.94 -15.10
CA ASN A 106 -7.08 7.32 -14.07
C ASN A 106 -6.08 8.39 -14.54
N ARG A 107 -6.35 9.01 -15.71
CA ARG A 107 -5.45 10.07 -16.19
C ARG A 107 -5.57 11.35 -15.44
N PRO A 108 -4.42 11.93 -15.02
CA PRO A 108 -4.50 13.19 -14.29
C PRO A 108 -5.15 14.37 -15.07
N GLU A 109 -5.15 14.36 -16.41
CA GLU A 109 -5.88 15.36 -17.26
C GLU A 109 -7.39 15.35 -17.00
N HIS A 110 -7.91 14.21 -16.54
CA HIS A 110 -9.35 14.04 -16.37
C HIS A 110 -9.77 14.19 -14.91
N LYS A 111 -8.81 14.13 -13.97
CA LYS A 111 -9.11 13.98 -12.55
C LYS A 111 -8.86 15.26 -11.79
N HIS A 112 -9.76 15.58 -10.87
CA HIS A 112 -9.45 16.59 -9.88
C HIS A 112 -8.83 15.90 -8.70
N PRO A 113 -7.64 16.34 -8.30
CA PRO A 113 -6.88 15.68 -7.29
C PRO A 113 -7.60 15.61 -5.95
N VAL A 114 -7.58 14.45 -5.31
CA VAL A 114 -8.08 14.35 -3.94
C VAL A 114 -7.24 15.19 -2.98
N PHE A 115 -5.94 15.23 -3.28
CA PHE A 115 -4.98 16.01 -2.53
C PHE A 115 -4.24 16.86 -3.54
N SER A 116 -4.16 18.15 -3.26
CA SER A 116 -3.55 19.18 -4.16
C SER A 116 -2.14 18.77 -4.68
N VAL A 117 -1.30 18.29 -3.74
CA VAL A 117 0.08 17.95 -4.00
C VAL A 117 0.20 16.59 -4.73
N ILE A 118 0.72 16.66 -5.96
CA ILE A 118 0.90 15.54 -6.91
C ILE A 118 2.39 15.07 -7.01
N PRO A 119 2.67 13.80 -6.60
CA PRO A 119 3.99 13.25 -6.69
C PRO A 119 4.14 12.55 -8.01
N ARG A 120 4.55 13.29 -9.03
CA ARG A 120 4.69 12.70 -10.37
C ARG A 120 5.58 13.59 -11.22
N PRO A 121 6.21 13.01 -12.27
CA PRO A 121 7.23 13.74 -13.04
C PRO A 121 6.66 14.76 -14.06
N ALA A 127 0.44 15.28 -18.96
CA ALA A 127 0.38 13.87 -19.47
C ALA A 127 1.46 12.99 -18.78
N PRO A 128 1.12 11.73 -18.37
CA PRO A 128 2.13 10.85 -17.75
C PRO A 128 3.35 10.61 -18.62
N ALA A 129 4.53 10.76 -18.02
CA ALA A 129 5.82 10.50 -18.66
C ALA A 129 5.90 9.06 -18.95
N PRO A 130 6.63 8.72 -20.00
CA PRO A 130 6.87 7.34 -20.31
C PRO A 130 7.25 6.49 -19.06
N GLY A 131 6.59 5.36 -18.96
CA GLY A 131 6.82 4.43 -17.86
C GLY A 131 6.09 4.77 -16.60
N TRP A 132 5.46 5.94 -16.47
CA TRP A 132 4.79 6.32 -15.22
C TRP A 132 3.33 5.75 -15.32
N PHE A 133 3.26 4.44 -15.20
CA PHE A 133 2.12 3.65 -15.65
C PHE A 133 0.95 3.69 -14.71
N THR A 134 1.20 4.10 -13.47
CA THR A 134 0.15 4.21 -12.52
C THR A 134 -0.99 5.10 -12.96
N ASN A 135 -0.71 6.16 -13.73
CA ASN A 135 -1.62 7.20 -14.01
C ASN A 135 -2.04 7.11 -15.46
N MET A 136 -1.88 5.97 -16.05
CA MET A 136 -2.30 5.79 -17.42
C MET A 136 -3.55 4.97 -17.49
N ASP A 137 -4.31 5.16 -18.59
CA ASP A 137 -5.40 4.28 -18.97
C ASP A 137 -4.94 3.27 -20.00
N ALA A 138 -5.73 2.22 -20.18
CA ALA A 138 -5.60 1.33 -21.29
C ALA A 138 -5.84 2.14 -22.59
N PRO A 139 -5.07 1.91 -23.69
CA PRO A 139 -4.06 0.84 -23.88
C PRO A 139 -2.60 1.15 -23.51
N GLU A 140 -2.24 2.40 -23.21
CA GLU A 140 -0.91 2.79 -22.88
C GLU A 140 -0.45 2.05 -21.63
N HIS A 141 -1.35 2.00 -20.64
CA HIS A 141 -1.12 1.23 -19.36
C HIS A 141 -0.84 -0.22 -19.62
N THR A 142 -1.58 -0.83 -20.57
CA THR A 142 -1.43 -2.24 -20.85
C THR A 142 -0.08 -2.69 -21.22
N ARG A 143 0.63 -1.85 -21.95
CA ARG A 143 1.98 -2.16 -22.40
C ARG A 143 2.98 -2.37 -21.27
N TYR A 144 2.90 -1.50 -20.26
CA TYR A 144 3.77 -1.60 -19.09
C TYR A 144 3.27 -2.68 -18.17
N ARG A 145 1.97 -2.70 -17.95
CA ARG A 145 1.37 -3.71 -17.03
C ARG A 145 1.76 -5.10 -17.46
N ARG A 146 1.62 -5.36 -18.75
CA ARG A 146 1.93 -6.71 -19.24
C ARG A 146 3.41 -7.09 -19.03
N MET A 147 4.31 -6.15 -19.27
CA MET A 147 5.75 -6.36 -19.10
C MET A 147 6.05 -6.69 -17.64
N LEU A 148 5.33 -6.04 -16.72
CA LEU A 148 5.58 -6.20 -15.28
C LEU A 148 4.94 -7.49 -14.76
N ILE A 149 3.77 -7.86 -15.29
CA ILE A 149 3.23 -9.20 -14.96
C ILE A 149 4.16 -10.33 -15.37
N SER A 150 4.83 -10.16 -16.52
CA SER A 150 5.79 -11.10 -17.04
C SER A 150 7.10 -11.17 -16.26
N GLN A 151 7.28 -10.27 -15.26
CA GLN A 151 8.33 -10.36 -14.29
C GLN A 151 7.94 -10.67 -12.84
N PHE A 152 6.75 -10.24 -12.40
CA PHE A 152 6.14 -10.71 -11.15
C PHE A 152 5.53 -12.13 -11.34
N THR A 153 6.40 -13.06 -11.65
CA THR A 153 5.98 -14.40 -12.05
C THR A 153 5.90 -15.33 -10.87
N VAL A 154 5.25 -16.46 -11.11
CA VAL A 154 5.26 -17.55 -10.16
C VAL A 154 6.69 -17.93 -9.73
N ARG A 155 7.57 -18.12 -10.71
CA ARG A 155 8.91 -18.53 -10.44
C ARG A 155 9.72 -17.46 -9.67
N ARG A 156 9.57 -16.20 -10.05
CA ARG A 156 10.38 -15.15 -9.42
C ARG A 156 10.02 -15.09 -7.93
N ILE A 157 8.74 -15.15 -7.62
CA ILE A 157 8.31 -15.05 -6.19
C ILE A 157 8.62 -16.34 -5.41
N LYS A 158 8.49 -17.51 -6.05
CA LYS A 158 8.84 -18.78 -5.45
C LYS A 158 10.34 -18.76 -5.07
N GLU A 159 11.16 -18.27 -5.97
CA GLU A 159 12.63 -18.28 -5.82
C GLU A 159 13.08 -17.27 -4.76
N LEU A 160 12.32 -16.22 -4.58
CA LEU A 160 12.59 -15.21 -3.55
C LEU A 160 12.24 -15.63 -2.13
N GLU A 161 11.31 -16.58 -1.95
CA GLU A 161 10.75 -16.89 -0.65
C GLU A 161 11.80 -17.29 0.38
N PRO A 162 12.85 -18.07 -0.02
CA PRO A 162 13.85 -18.44 1.02
C PRO A 162 14.71 -17.28 1.52
N ARG A 163 14.91 -16.30 0.65
CA ARG A 163 15.61 -15.08 1.04
C ARG A 163 14.72 -14.23 1.96
N ILE A 164 13.42 -14.19 1.67
CA ILE A 164 12.48 -13.47 2.59
C ILE A 164 12.50 -14.13 3.96
N VAL A 165 12.49 -15.47 4.03
CA VAL A 165 12.63 -16.22 5.29
C VAL A 165 13.90 -15.85 6.00
N ARG A 166 15.03 -15.81 5.29
CA ARG A 166 16.31 -15.51 5.95
C ARG A 166 16.37 -14.06 6.47
N ILE A 167 15.91 -13.13 5.65
CA ILE A 167 15.89 -11.71 6.00
C ILE A 167 15.04 -11.57 7.29
N THR A 168 13.88 -12.23 7.32
CA THR A 168 12.96 -12.06 8.45
C THR A 168 13.63 -12.59 9.72
N GLU A 169 14.23 -13.76 9.59
CA GLU A 169 14.85 -14.43 10.71
C GLU A 169 16.07 -13.66 11.22
N ASP A 170 16.83 -13.06 10.31
CA ASP A 170 17.95 -12.23 10.70
C ASP A 170 17.46 -11.07 11.58
N HIS A 171 16.35 -10.40 11.19
CA HIS A 171 15.88 -9.28 12.02
C HIS A 171 15.36 -9.73 13.35
N LEU A 172 14.77 -10.91 13.42
CA LEU A 172 14.34 -11.49 14.67
C LEU A 172 15.52 -11.81 15.58
N ASP A 173 16.61 -12.31 14.98
CA ASP A 173 17.86 -12.56 15.71
C ASP A 173 18.41 -11.28 16.31
N ALA A 174 18.37 -10.19 15.51
CA ALA A 174 18.87 -8.89 15.96
C ALA A 174 18.03 -8.35 17.10
N MET A 175 16.74 -8.55 17.05
CA MET A 175 15.84 -8.23 18.21
C MET A 175 16.23 -9.01 19.49
N ALA A 176 16.48 -10.28 19.31
CA ALA A 176 16.88 -11.16 20.42
C ALA A 176 18.19 -10.71 21.01
N LYS A 177 19.13 -10.27 20.19
CA LYS A 177 20.43 -9.72 20.66
C LYS A 177 20.27 -8.39 21.41
N ALA A 178 19.47 -7.49 20.85
CA ALA A 178 19.13 -6.19 21.49
C ALA A 178 18.41 -6.35 22.82
N GLY A 179 17.61 -7.35 22.90
CA GLY A 179 16.66 -7.52 23.96
C GLY A 179 15.56 -6.47 24.03
N PRO A 180 14.60 -6.70 24.89
CA PRO A 180 13.48 -5.76 24.94
C PRO A 180 13.78 -4.52 25.79
N PRO A 181 13.08 -3.41 25.54
CA PRO A 181 12.17 -3.18 24.41
C PRO A 181 12.87 -2.77 23.13
N VAL A 182 12.15 -2.92 22.00
CA VAL A 182 12.59 -2.31 20.76
C VAL A 182 11.41 -1.59 20.14
N ASP A 183 11.70 -0.70 19.20
CA ASP A 183 10.66 -0.12 18.37
C ASP A 183 10.51 -1.12 17.17
N LEU A 184 9.39 -1.80 17.11
CA LEU A 184 9.24 -2.80 16.05
C LEU A 184 9.35 -2.17 14.64
N VAL A 185 8.98 -0.91 14.48
CA VAL A 185 9.03 -0.27 13.17
C VAL A 185 10.48 -0.25 12.68
N GLN A 186 11.38 0.29 13.50
CA GLN A 186 12.81 0.34 13.11
C GLN A 186 13.47 -0.99 13.12
N ALA A 187 13.05 -1.92 13.99
CA ALA A 187 13.74 -3.18 14.15
C ALA A 187 13.35 -4.25 13.13
N PHE A 188 12.17 -4.08 12.54
CA PHE A 188 11.58 -5.19 11.84
C PHE A 188 10.65 -4.80 10.73
N ALA A 189 9.62 -4.04 11.04
CA ALA A 189 8.59 -3.74 10.03
C ALA A 189 9.15 -2.95 8.84
N LEU A 190 9.92 -1.93 9.04
CA LEU A 190 10.58 -1.16 7.95
C LEU A 190 11.70 -1.97 7.25
N PRO A 191 12.65 -2.52 8.00
CA PRO A 191 13.78 -3.00 7.19
C PRO A 191 13.54 -4.28 6.41
N VAL A 192 12.69 -5.20 6.93
CA VAL A 192 12.54 -6.48 6.27
C VAL A 192 12.00 -6.27 4.82
N PRO A 193 10.91 -5.53 4.63
CA PRO A 193 10.46 -5.35 3.25
C PRO A 193 11.32 -4.40 2.45
N SER A 194 12.03 -3.48 3.14
CA SER A 194 12.99 -2.63 2.43
C SER A 194 14.10 -3.48 1.80
N LEU A 195 14.65 -4.40 2.54
CA LEU A 195 15.73 -5.21 2.02
C LEU A 195 15.17 -6.11 0.90
N VAL A 196 13.95 -6.60 1.09
CA VAL A 196 13.33 -7.50 0.03
C VAL A 196 13.15 -6.77 -1.24
N ILE A 197 12.62 -5.56 -1.22
CA ILE A 197 12.38 -4.83 -2.47
C ILE A 197 13.71 -4.42 -3.11
N CYS A 198 14.69 -4.09 -2.30
CA CYS A 198 15.99 -3.73 -2.86
C CYS A 198 16.56 -4.95 -3.63
N GLU A 199 16.44 -6.14 -3.07
CA GLU A 199 17.00 -7.35 -3.68
C GLU A 199 16.20 -7.68 -4.97
N LEU A 200 14.90 -7.43 -4.93
CA LEU A 200 14.03 -7.64 -6.11
C LEU A 200 14.40 -6.80 -7.28
N LEU A 201 14.70 -5.53 -7.01
CA LEU A 201 15.07 -4.59 -8.01
C LEU A 201 16.59 -4.46 -8.37
N GLY A 202 17.45 -5.10 -7.62
CA GLY A 202 18.89 -4.85 -7.77
C GLY A 202 19.40 -3.54 -7.28
N VAL A 203 18.70 -2.99 -6.30
CA VAL A 203 19.04 -1.68 -5.73
C VAL A 203 19.86 -1.99 -4.46
N SER A 204 20.89 -1.18 -4.18
CA SER A 204 21.73 -1.43 -3.04
C SER A 204 21.05 -0.99 -1.75
N TYR A 205 20.85 -1.96 -0.87
CA TYR A 205 20.27 -1.69 0.48
C TYR A 205 21.14 -0.79 1.39
N ALA A 206 22.41 -0.61 1.05
CA ALA A 206 23.29 0.26 1.80
C ALA A 206 22.74 1.74 1.75
N ASP A 207 22.02 2.11 0.70
CA ASP A 207 21.38 3.42 0.63
C ASP A 207 19.91 3.47 1.18
N HIS A 208 19.47 2.52 1.99
CA HIS A 208 18.07 2.41 2.42
C HIS A 208 17.60 3.61 3.22
N ALA A 209 18.51 4.28 3.92
CA ALA A 209 18.06 5.33 4.80
C ALA A 209 17.62 6.47 3.92
N PHE A 210 18.47 6.78 2.93
CA PHE A 210 18.09 7.69 1.87
C PHE A 210 16.75 7.33 1.18
N PHE A 211 16.55 6.09 0.75
CA PHE A 211 15.29 5.70 0.10
C PHE A 211 14.11 5.91 0.97
N GLN A 212 14.17 5.38 2.16
CA GLN A 212 13.09 5.42 3.07
C GLN A 212 12.63 6.86 3.34
N GLU A 213 13.61 7.77 3.45
CA GLU A 213 13.31 9.19 3.66
C GLU A 213 12.56 9.81 2.48
N GLN A 214 12.99 9.49 1.27
CA GLN A 214 12.33 10.00 0.09
C GLN A 214 10.99 9.34 -0.12
N THR A 215 10.91 8.02 0.05
CA THR A 215 9.63 7.35 -0.22
C THR A 215 8.56 7.81 0.74
N THR A 216 8.89 8.10 2.00
CA THR A 216 7.91 8.61 2.94
C THR A 216 7.29 9.96 2.48
N ILE A 217 8.14 10.84 1.94
CA ILE A 217 7.66 12.07 1.35
C ILE A 217 6.73 11.82 0.17
N MET A 218 7.13 10.90 -0.68
N MET A 218 7.07 10.89 -0.69
CA MET A 218 6.39 10.62 -1.90
CA MET A 218 6.28 10.72 -1.90
C MET A 218 4.93 10.26 -1.57
C MET A 218 4.91 10.07 -1.69
N VAL A 219 4.69 9.49 -0.51
CA VAL A 219 3.37 8.96 -0.18
C VAL A 219 2.66 9.81 0.90
N SER A 220 3.27 10.89 1.33
CA SER A 220 2.65 11.77 2.28
C SER A 220 1.44 12.51 1.69
N VAL A 221 0.54 12.98 2.57
CA VAL A 221 -0.47 13.94 2.13
C VAL A 221 -0.34 15.26 2.94
N ASP A 222 0.83 15.44 3.53
CA ASP A 222 1.17 16.51 4.47
C ASP A 222 2.28 17.44 4.00
N LYS A 223 2.80 17.24 2.78
CA LYS A 223 4.07 17.87 2.34
C LYS A 223 3.74 18.85 1.19
N THR A 224 4.60 19.85 1.00
CA THR A 224 4.45 20.84 -0.07
C THR A 224 4.84 20.24 -1.42
N GLN A 225 4.33 20.85 -2.49
CA GLN A 225 4.67 20.41 -3.85
C GLN A 225 6.20 20.46 -4.01
N ASP A 226 6.87 21.49 -3.49
CA ASP A 226 8.33 21.55 -3.61
C ASP A 226 9.05 20.37 -2.91
N GLU A 227 8.59 20.01 -1.71
CA GLU A 227 9.16 18.89 -0.94
C GLU A 227 9.01 17.61 -1.75
N VAL A 228 7.87 17.42 -2.40
CA VAL A 228 7.58 16.17 -3.10
C VAL A 228 8.33 16.14 -4.41
N THR A 229 8.40 17.26 -5.14
CA THR A 229 9.20 17.38 -6.34
C THR A 229 10.71 17.11 -6.00
N THR A 230 11.15 17.58 -4.86
CA THR A 230 12.54 17.37 -4.45
C THR A 230 12.88 15.92 -4.21
N ALA A 231 12.00 15.24 -3.48
CA ALA A 231 12.14 13.82 -3.21
C ALA A 231 12.12 12.99 -4.50
N LEU A 232 11.13 13.25 -5.34
CA LEU A 232 11.05 12.60 -6.63
C LEU A 232 12.33 12.81 -7.43
N GLY A 233 12.81 14.05 -7.48
CA GLY A 233 14.10 14.31 -8.14
C GLY A 233 15.27 13.53 -7.61
N LYS A 234 15.43 13.48 -6.29
CA LYS A 234 16.57 12.81 -5.68
C LYS A 234 16.51 11.34 -6.01
N LEU A 235 15.29 10.78 -5.95
CA LEU A 235 15.14 9.36 -6.37
C LEU A 235 15.39 9.13 -7.84
N THR A 236 14.91 10.02 -8.68
CA THR A 236 15.00 9.83 -10.13
C THR A 236 16.46 9.82 -10.50
N ARG A 237 17.21 10.79 -9.97
CA ARG A 237 18.60 10.84 -10.35
C ARG A 237 19.38 9.66 -9.87
N TYR A 238 19.05 9.19 -8.67
CA TYR A 238 19.70 8.04 -8.11
C TYR A 238 19.46 6.79 -8.99
N ILE A 239 18.19 6.58 -9.30
CA ILE A 239 17.79 5.36 -10.12
C ILE A 239 18.29 5.42 -11.55
N ALA A 240 18.26 6.60 -12.15
CA ALA A 240 18.76 6.80 -13.50
C ALA A 240 20.16 6.31 -13.60
N GLU A 241 20.97 6.60 -12.59
CA GLU A 241 22.37 6.13 -12.60
C GLU A 241 22.48 4.62 -12.40
N LEU A 242 21.66 4.10 -11.50
CA LEU A 242 21.61 2.66 -11.36
C LEU A 242 21.22 1.94 -12.69
N VAL A 243 20.22 2.45 -13.37
CA VAL A 243 19.82 1.88 -14.65
C VAL A 243 20.97 1.92 -15.68
N ALA A 244 21.66 3.05 -15.78
CA ALA A 244 22.84 3.19 -16.64
C ALA A 244 23.87 2.12 -16.28
N THR A 245 24.08 1.84 -15.01
CA THR A 245 25.04 0.84 -14.55
C THR A 245 24.61 -0.56 -14.94
N LYS A 246 23.33 -0.86 -14.74
CA LYS A 246 22.83 -2.16 -15.02
C LYS A 246 22.80 -2.44 -16.50
N ARG A 247 22.62 -1.45 -17.35
CA ARG A 247 22.70 -1.68 -18.81
C ARG A 247 24.02 -2.36 -19.21
N LEU A 248 25.11 -2.03 -18.50
CA LEU A 248 26.45 -2.60 -18.75
C LEU A 248 26.70 -3.96 -18.12
N SER A 249 25.88 -4.36 -17.15
CA SER A 249 26.22 -5.58 -16.39
C SER A 249 24.90 -6.26 -16.05
N PRO A 250 24.48 -7.18 -16.93
CA PRO A 250 23.21 -7.96 -16.80
C PRO A 250 23.06 -8.60 -15.46
N LYS A 251 21.88 -8.52 -14.91
CA LYS A 251 21.57 -9.45 -13.83
C LYS A 251 20.14 -9.96 -14.03
N ASP A 252 19.76 -10.88 -13.17
CA ASP A 252 18.46 -11.60 -13.23
C ASP A 252 17.42 -11.04 -12.24
N ASP A 253 17.72 -9.90 -11.60
CA ASP A 253 16.72 -9.24 -10.77
C ASP A 253 15.63 -8.61 -11.65
N LEU A 254 14.60 -8.04 -11.05
CA LEU A 254 13.47 -7.69 -11.86
C LEU A 254 13.85 -6.57 -12.84
N LEU A 255 14.62 -5.58 -12.36
CA LEU A 255 15.04 -4.47 -13.23
C LEU A 255 16.03 -4.99 -14.32
N GLY A 256 16.93 -5.85 -13.95
CA GLY A 256 17.86 -6.39 -14.94
C GLY A 256 17.11 -7.20 -15.98
N SER A 257 16.07 -7.93 -15.58
CA SER A 257 15.25 -8.67 -16.55
C SER A 257 14.45 -7.76 -17.46
N LEU A 258 13.89 -6.64 -16.93
CA LEU A 258 13.25 -5.70 -17.79
C LEU A 258 14.28 -5.18 -18.84
N ILE A 259 15.52 -4.97 -18.42
CA ILE A 259 16.54 -4.45 -19.38
C ILE A 259 16.78 -5.48 -20.50
N THR A 260 16.86 -6.74 -20.10
CA THR A 260 17.17 -7.84 -21.03
C THR A 260 16.00 -8.21 -21.92
N ASP A 261 14.79 -8.14 -21.40
CA ASP A 261 13.65 -8.82 -22.07
C ASP A 261 12.77 -7.89 -22.83
N THR A 262 13.00 -6.59 -22.73
CA THR A 262 12.10 -5.56 -23.27
C THR A 262 12.88 -4.47 -23.99
N ASP A 263 12.13 -3.61 -24.68
CA ASP A 263 12.71 -2.46 -25.37
C ASP A 263 12.42 -1.16 -24.57
N LEU A 264 12.16 -1.31 -23.28
CA LEU A 264 11.92 -0.13 -22.47
C LEU A 264 13.18 0.77 -22.52
N THR A 265 12.93 2.08 -22.55
CA THR A 265 13.99 3.08 -22.52
C THR A 265 14.53 3.27 -21.14
N ASP A 266 15.66 3.97 -21.06
CA ASP A 266 16.24 4.27 -19.74
C ASP A 266 15.25 5.09 -18.90
N GLU A 267 14.63 6.08 -19.49
CA GLU A 267 13.57 6.86 -18.84
C GLU A 267 12.39 6.01 -18.29
N GLU A 268 11.88 5.13 -19.13
CA GLU A 268 10.80 4.19 -18.76
C GLU A 268 11.24 3.29 -17.62
N LEU A 269 12.46 2.75 -17.71
CA LEU A 269 12.95 1.91 -16.67
C LEU A 269 13.12 2.62 -15.34
N THR A 270 13.59 3.86 -15.42
CA THR A 270 13.78 4.69 -14.25
C THR A 270 12.45 5.01 -13.53
N ASN A 271 11.40 5.29 -14.30
CA ASN A 271 10.08 5.59 -13.71
C ASN A 271 9.42 4.33 -13.14
N ILE A 272 9.53 3.20 -13.85
CA ILE A 272 9.03 1.91 -13.34
C ILE A 272 9.71 1.55 -12.07
N ALA A 273 11.04 1.70 -12.07
CA ALA A 273 11.81 1.27 -10.88
C ALA A 273 11.40 2.19 -9.69
N LEU A 274 11.25 3.45 -9.98
CA LEU A 274 10.88 4.43 -8.90
C LEU A 274 9.51 4.08 -8.30
N ILE A 275 8.52 3.79 -9.17
CA ILE A 275 7.23 3.37 -8.70
C ILE A 275 7.33 2.12 -7.82
N LEU A 276 8.08 1.11 -8.24
CA LEU A 276 8.19 -0.14 -7.49
C LEU A 276 8.93 0.08 -6.15
N LEU A 277 9.95 0.91 -6.19
CA LEU A 277 10.78 1.16 -5.00
C LEU A 277 9.93 1.85 -3.91
N VAL A 278 9.14 2.80 -4.34
CA VAL A 278 8.18 3.52 -3.41
C VAL A 278 7.14 2.54 -2.85
N ALA A 279 6.49 1.80 -3.74
CA ALA A 279 5.45 0.87 -3.27
C ALA A 279 5.97 -0.20 -2.35
N GLY A 280 7.21 -0.68 -2.60
CA GLY A 280 7.81 -1.65 -1.74
C GLY A 280 8.21 -1.14 -0.36
N HIS A 281 8.46 0.17 -0.26
CA HIS A 281 8.85 0.74 1.01
C HIS A 281 7.71 1.29 1.81
N GLU A 282 6.53 1.36 1.25
CA GLU A 282 5.43 2.06 1.92
C GLU A 282 4.12 1.26 2.10
N THR A 283 4.17 -0.04 1.86
CA THR A 283 3.01 -0.88 1.91
C THR A 283 3.16 -1.94 2.98
N THR A 284 4.06 -2.85 2.73
CA THR A 284 4.24 -4.02 3.55
C THR A 284 4.68 -3.61 4.95
N ALA A 285 5.55 -2.63 5.01
CA ALA A 285 6.05 -2.20 6.32
C ALA A 285 4.91 -1.68 7.16
N ASN A 286 4.01 -0.92 6.55
CA ASN A 286 2.85 -0.44 7.30
C ASN A 286 1.91 -1.55 7.76
N MET A 287 1.63 -2.55 6.91
CA MET A 287 0.94 -3.75 7.36
C MET A 287 1.63 -4.48 8.49
N LEU A 288 2.96 -4.62 8.46
CA LEU A 288 3.60 -5.43 9.47
C LEU A 288 3.41 -4.69 10.81
N GLY A 289 3.68 -3.40 10.80
CA GLY A 289 3.57 -2.59 12.06
C GLY A 289 2.16 -2.46 12.63
N LEU A 290 1.19 -2.06 11.78
CA LEU A 290 -0.17 -1.93 12.23
C LEU A 290 -0.81 -3.25 12.45
N GLY A 291 -0.54 -4.25 11.60
CA GLY A 291 -1.00 -5.59 11.89
C GLY A 291 -0.53 -6.17 13.22
N THR A 292 0.73 -5.93 13.60
CA THR A 292 1.25 -6.44 14.82
C THR A 292 0.44 -5.77 16.00
N PHE A 293 0.23 -4.49 15.90
CA PHE A 293 -0.49 -3.68 16.89
C PHE A 293 -1.88 -4.29 16.97
N ALA A 294 -2.50 -4.55 15.82
CA ALA A 294 -3.88 -5.11 15.87
C ALA A 294 -3.92 -6.44 16.53
N LEU A 295 -2.96 -7.30 16.23
CA LEU A 295 -2.88 -8.62 16.85
C LEU A 295 -2.62 -8.55 18.36
N LEU A 296 -1.76 -7.61 18.81
CA LEU A 296 -1.55 -7.43 20.24
C LEU A 296 -2.81 -7.00 20.96
N GLN A 297 -3.61 -6.16 20.28
CA GLN A 297 -4.87 -5.65 20.83
C GLN A 297 -6.01 -6.67 20.73
N HIS A 298 -5.85 -7.71 19.91
CA HIS A 298 -6.83 -8.79 19.77
C HIS A 298 -6.19 -10.12 19.95
N PRO A 299 -5.69 -10.36 21.16
CA PRO A 299 -4.71 -11.44 21.32
C PRO A 299 -5.28 -12.84 21.08
N GLU A 300 -6.59 -12.99 21.23
CA GLU A 300 -7.24 -14.26 20.90
C GLU A 300 -7.10 -14.62 19.40
N GLN A 301 -6.86 -13.63 18.52
CA GLN A 301 -6.62 -13.97 17.10
C GLN A 301 -5.25 -14.55 16.78
N ILE A 302 -4.23 -14.38 17.67
CA ILE A 302 -2.92 -14.90 17.39
C ILE A 302 -2.97 -16.38 17.09
N ALA A 303 -3.80 -17.12 17.79
CA ALA A 303 -3.90 -18.56 17.59
C ALA A 303 -4.46 -18.91 16.22
N ASN A 304 -5.05 -17.91 15.55
CA ASN A 304 -5.63 -18.12 14.20
C ASN A 304 -4.76 -17.69 13.06
N LEU A 305 -3.50 -17.38 13.35
CA LEU A 305 -2.59 -16.82 12.36
C LEU A 305 -2.24 -17.80 11.24
N ASP A 306 -2.29 -19.10 11.53
CA ASP A 306 -2.08 -20.08 10.44
C ASP A 306 -3.34 -20.34 9.59
N SER A 307 -4.42 -19.66 9.87
CA SER A 307 -5.60 -19.82 8.99
C SER A 307 -5.21 -19.40 7.57
N PRO A 308 -5.76 -20.09 6.57
CA PRO A 308 -5.32 -19.74 5.20
C PRO A 308 -5.55 -18.36 4.74
N ASP A 309 -6.62 -17.74 5.22
CA ASP A 309 -6.94 -16.40 4.79
C ASP A 309 -6.58 -15.35 5.87
N ALA A 310 -5.81 -15.71 6.87
CA ALA A 310 -5.44 -14.73 7.93
C ALA A 310 -4.85 -13.42 7.44
N VAL A 311 -3.94 -13.52 6.49
CA VAL A 311 -3.31 -12.27 5.92
C VAL A 311 -4.39 -11.45 5.20
N GLU A 312 -5.28 -12.10 4.44
CA GLU A 312 -6.39 -11.43 3.82
C GLU A 312 -7.27 -10.70 4.81
N GLU A 313 -7.52 -11.32 5.95
CA GLU A 313 -8.36 -10.65 6.96
C GLU A 313 -7.63 -9.42 7.51
N LEU A 314 -6.35 -9.50 7.82
CA LEU A 314 -5.60 -8.30 8.25
C LEU A 314 -5.63 -7.21 7.19
N LEU A 315 -5.48 -7.57 5.90
CA LEU A 315 -5.59 -6.60 4.86
C LEU A 315 -6.97 -5.86 4.88
N ARG A 316 -8.07 -6.66 4.90
CA ARG A 316 -9.43 -6.11 4.93
C ARG A 316 -9.63 -5.20 6.14
N TYR A 317 -9.34 -5.75 7.30
CA TYR A 317 -9.58 -5.05 8.59
C TYR A 317 -8.81 -3.75 8.67
N LEU A 318 -7.59 -3.71 8.18
CA LEU A 318 -6.76 -2.52 8.36
C LEU A 318 -6.84 -1.53 7.23
N SER A 319 -7.03 -2.03 5.98
CA SER A 319 -7.23 -1.16 4.81
C SER A 319 -6.32 0.09 4.79
N ILE A 320 -5.01 -0.20 4.68
CA ILE A 320 -4.00 0.90 4.86
C ILE A 320 -4.00 1.95 3.75
N VAL A 321 -4.53 1.63 2.54
CA VAL A 321 -4.69 2.62 1.50
C VAL A 321 -6.00 3.31 1.79
N HIS A 322 -5.92 4.28 2.69
CA HIS A 322 -7.09 4.66 3.47
C HIS A 322 -7.76 5.96 3.15
N LEU A 323 -7.19 6.81 2.32
CA LEU A 323 -7.70 8.16 2.03
C LEU A 323 -8.07 8.38 0.56
N GLY A 324 -9.32 8.10 0.20
CA GLY A 324 -9.84 8.48 -1.08
C GLY A 324 -9.17 7.85 -2.29
N THR A 325 -8.58 6.65 -2.12
CA THR A 325 -7.90 5.91 -3.19
C THR A 325 -8.44 4.48 -3.21
N PRO A 326 -8.68 3.89 -4.39
CA PRO A 326 -8.49 4.48 -5.73
C PRO A 326 -9.44 5.63 -5.99
N ASN A 327 -9.07 6.55 -6.89
CA ASN A 327 -10.01 7.55 -7.38
C ASN A 327 -9.87 7.66 -8.86
N ARG A 328 -10.99 7.97 -9.53
CA ARG A 328 -11.10 7.83 -10.99
C ARG A 328 -12.05 8.92 -11.49
N ALA A 329 -11.89 9.34 -12.74
CA ALA A 329 -12.79 10.36 -13.40
C ALA A 329 -13.80 9.67 -14.27
N ALA A 330 -15.10 10.04 -14.22
CA ALA A 330 -16.07 9.44 -15.18
C ALA A 330 -15.79 10.06 -16.60
N LEU A 331 -15.62 9.20 -17.59
CA LEU A 331 -15.51 9.60 -18.99
C LEU A 331 -16.92 9.77 -19.65
N GLU A 332 -17.94 9.09 -19.11
CA GLU A 332 -19.37 9.26 -19.50
C GLU A 332 -20.15 9.37 -18.21
N ASP A 333 -21.40 9.81 -18.31
CA ASP A 333 -22.36 9.65 -17.22
C ASP A 333 -22.45 8.19 -16.74
N VAL A 334 -22.50 8.00 -15.42
CA VAL A 334 -22.59 6.63 -14.87
C VAL A 334 -23.48 6.63 -13.62
N GLU A 335 -24.41 5.68 -13.56
CA GLU A 335 -25.29 5.59 -12.41
C GLU A 335 -24.68 4.59 -11.43
N LEU A 336 -24.62 5.00 -10.17
CA LEU A 336 -24.07 4.22 -9.07
C LEU A 336 -24.90 4.38 -7.82
N GLU A 337 -25.43 3.27 -7.32
CA GLU A 337 -26.31 3.28 -6.19
C GLU A 337 -27.45 4.26 -6.52
N GLY A 338 -27.75 5.20 -5.64
CA GLY A 338 -28.83 6.18 -5.97
C GLY A 338 -28.56 7.10 -7.19
N GLN A 339 -27.28 7.36 -7.46
CA GLN A 339 -26.81 8.65 -7.91
C GLN A 339 -26.31 8.67 -9.34
N MET A 340 -26.44 9.83 -9.98
CA MET A 340 -25.95 9.94 -11.32
C MET A 340 -24.61 10.65 -11.29
N ILE A 341 -23.55 9.90 -11.57
CA ILE A 341 -22.23 10.48 -11.79
C ILE A 341 -22.22 11.05 -13.20
N ARG A 342 -21.91 12.33 -13.32
CA ARG A 342 -21.75 12.99 -14.62
C ARG A 342 -20.35 12.84 -15.23
N LYS A 343 -20.29 12.74 -16.58
CA LYS A 343 -19.02 12.99 -17.30
C LYS A 343 -18.27 14.14 -16.67
N GLY A 344 -17.02 13.86 -16.34
CA GLY A 344 -16.12 14.88 -15.85
C GLY A 344 -15.99 14.88 -14.36
N ASP A 345 -16.81 14.07 -13.69
CA ASP A 345 -16.81 14.02 -12.23
C ASP A 345 -15.69 13.07 -11.72
N THR A 346 -14.98 13.45 -10.68
CA THR A 346 -14.02 12.56 -10.02
C THR A 346 -14.78 11.82 -8.90
N VAL A 347 -14.48 10.55 -8.77
CA VAL A 347 -15.12 9.67 -7.79
C VAL A 347 -13.94 9.02 -6.97
N ALA A 348 -13.97 9.27 -5.65
CA ALA A 348 -12.96 8.74 -4.72
C ALA A 348 -13.61 7.59 -3.92
N ILE A 349 -12.85 6.56 -3.60
CA ILE A 349 -13.34 5.44 -2.85
C ILE A 349 -12.74 5.49 -1.45
N GLY A 350 -13.59 5.26 -0.45
CA GLY A 350 -13.13 5.08 0.96
C GLY A 350 -12.99 3.63 1.25
N LEU A 351 -11.84 3.06 0.92
CA LEU A 351 -11.60 1.64 1.07
C LEU A 351 -11.87 1.18 2.43
N PRO A 352 -11.47 1.99 3.49
CA PRO A 352 -11.73 1.41 4.79
C PRO A 352 -13.17 1.06 5.07
N ALA A 353 -14.06 1.87 4.56
CA ALA A 353 -15.51 1.61 4.68
C ALA A 353 -15.96 0.51 3.76
N VAL A 354 -15.37 0.45 2.57
CA VAL A 354 -15.73 -0.59 1.62
C VAL A 354 -15.50 -1.95 2.26
N ASN A 355 -14.38 -2.06 2.97
CA ASN A 355 -13.95 -3.32 3.58
C ASN A 355 -14.66 -3.64 4.88
N ARG A 356 -15.58 -2.79 5.30
CA ARG A 356 -16.48 -3.07 6.45
C ARG A 356 -17.95 -3.11 6.00
N ASP A 357 -18.21 -3.30 4.70
CA ASP A 357 -19.59 -3.22 4.18
C ASP A 357 -20.40 -4.42 4.73
N PRO A 358 -21.50 -4.14 5.51
CA PRO A 358 -22.23 -5.23 6.13
C PRO A 358 -23.04 -6.04 5.15
N LYS A 359 -23.19 -5.53 3.94
CA LYS A 359 -23.79 -6.38 2.88
C LYS A 359 -22.86 -7.52 2.39
N VAL A 360 -21.57 -7.43 2.69
CA VAL A 360 -20.53 -8.27 2.13
C VAL A 360 -19.84 -9.18 3.13
N PHE A 361 -19.57 -8.65 4.34
CA PHE A 361 -18.84 -9.34 5.39
C PHE A 361 -19.73 -9.58 6.64
N ASP A 362 -19.70 -10.78 7.15
CA ASP A 362 -20.23 -11.13 8.49
C ASP A 362 -19.48 -10.33 9.54
N GLU A 363 -20.20 -9.83 10.52
CA GLU A 363 -19.58 -9.18 11.66
C GLU A 363 -18.38 -8.28 11.17
N PRO A 364 -18.66 -7.25 10.39
CA PRO A 364 -17.61 -6.64 9.61
C PRO A 364 -16.58 -5.92 10.45
N ASP A 365 -16.99 -5.47 11.64
CA ASP A 365 -16.07 -4.69 12.48
C ASP A 365 -15.26 -5.53 13.48
N ILE A 366 -15.33 -6.84 13.37
CA ILE A 366 -14.53 -7.76 14.16
C ILE A 366 -13.38 -8.30 13.33
N LEU A 367 -12.19 -8.20 13.88
CA LEU A 367 -11.00 -8.90 13.30
C LEU A 367 -11.14 -10.37 13.60
N GLN A 368 -11.31 -11.18 12.55
CA GLN A 368 -11.54 -12.60 12.69
C GLN A 368 -10.72 -13.33 11.64
N LEU A 369 -9.52 -13.72 12.01
CA LEU A 369 -8.57 -14.27 11.02
C LEU A 369 -9.07 -15.57 10.39
N ASP A 370 -9.98 -16.27 11.08
CA ASP A 370 -10.59 -17.52 10.53
C ASP A 370 -11.98 -17.31 9.85
N ARG A 371 -12.39 -16.08 9.57
CA ARG A 371 -13.67 -15.83 8.86
C ARG A 371 -13.57 -16.50 7.48
N VAL A 372 -14.75 -16.73 6.89
CA VAL A 372 -14.80 -17.44 5.62
C VAL A 372 -14.92 -16.51 4.40
N ASP A 373 -15.18 -15.23 4.63
CA ASP A 373 -15.42 -14.21 3.59
C ASP A 373 -14.37 -13.10 3.49
N ALA A 374 -13.13 -13.38 3.93
CA ALA A 374 -12.08 -12.34 3.85
C ALA A 374 -11.76 -11.93 2.41
N ARG A 375 -11.84 -12.89 1.49
CA ARG A 375 -11.35 -12.62 0.14
C ARG A 375 -12.25 -11.77 -0.71
N LYS A 376 -13.40 -11.31 -0.19
CA LYS A 376 -14.13 -10.29 -0.89
C LYS A 376 -13.53 -8.90 -0.67
N HIS A 377 -12.46 -8.78 0.13
CA HIS A 377 -11.94 -7.45 0.40
C HIS A 377 -11.39 -6.77 -0.84
N ALA A 378 -11.30 -5.46 -0.79
CA ALA A 378 -10.74 -4.67 -1.89
C ALA A 378 -9.50 -3.91 -1.46
N ALA A 379 -8.78 -4.44 -0.46
CA ALA A 379 -7.55 -3.79 0.06
C ALA A 379 -6.44 -3.56 -0.99
N PHE A 380 -6.42 -4.40 -2.03
CA PHE A 380 -5.49 -4.28 -3.16
C PHE A 380 -6.10 -3.55 -4.38
N GLY A 381 -7.29 -2.93 -4.24
CA GLY A 381 -7.95 -2.24 -5.35
C GLY A 381 -8.64 -3.30 -6.21
N GLY A 382 -8.67 -3.03 -7.51
CA GLY A 382 -9.42 -3.83 -8.44
C GLY A 382 -9.21 -3.33 -9.85
N GLY A 383 -9.67 -4.12 -10.82
CA GLY A 383 -9.54 -3.75 -12.21
C GLY A 383 -8.13 -3.73 -12.71
N ILE A 384 -7.88 -2.93 -13.74
CA ILE A 384 -6.60 -2.98 -14.42
C ILE A 384 -5.42 -2.47 -13.57
N HIS A 385 -5.68 -1.61 -12.61
CA HIS A 385 -4.66 -1.13 -11.71
C HIS A 385 -4.56 -1.86 -10.38
N GLN A 386 -5.24 -3.00 -10.25
CA GLN A 386 -5.19 -3.73 -8.99
C GLN A 386 -3.74 -4.02 -8.64
N CYS A 387 -3.42 -3.99 -7.35
CA CYS A 387 -2.02 -4.17 -6.88
C CYS A 387 -1.16 -5.16 -7.64
N LEU A 388 -0.07 -4.66 -8.21
CA LEU A 388 0.90 -5.47 -8.94
C LEU A 388 1.72 -6.32 -8.01
N GLY A 389 1.94 -5.80 -6.78
CA GLY A 389 2.79 -6.50 -5.83
C GLY A 389 2.14 -7.44 -4.90
N GLN A 390 0.85 -7.73 -5.15
CA GLN A 390 0.06 -8.45 -4.15
C GLN A 390 0.60 -9.84 -3.79
N GLN A 391 1.10 -10.65 -4.73
CA GLN A 391 1.64 -11.90 -4.32
C GLN A 391 2.95 -11.79 -3.46
N LEU A 392 3.78 -10.86 -3.81
CA LEU A 392 4.98 -10.56 -3.04
C LEU A 392 4.61 -10.09 -1.61
N ALA A 393 3.69 -9.14 -1.53
CA ALA A 393 3.25 -8.61 -0.27
C ALA A 393 2.66 -9.71 0.59
N ARG A 394 1.89 -10.60 -0.06
CA ARG A 394 1.28 -11.69 0.66
C ARG A 394 2.33 -12.63 1.32
N VAL A 395 3.38 -12.97 0.56
CA VAL A 395 4.41 -13.83 1.07
C VAL A 395 5.15 -13.13 2.22
N GLU A 396 5.52 -11.88 2.01
CA GLU A 396 6.23 -11.09 3.05
C GLU A 396 5.40 -11.00 4.34
N MET A 397 4.11 -10.79 4.21
CA MET A 397 3.28 -10.74 5.38
C MET A 397 3.11 -12.04 6.12
N ARG A 398 2.84 -13.12 5.37
N ARG A 398 2.83 -13.11 5.38
CA ARG A 398 2.72 -14.42 6.01
CA ARG A 398 2.69 -14.40 6.02
C ARG A 398 3.97 -14.76 6.80
C ARG A 398 3.97 -14.77 6.79
N ILE A 399 5.14 -14.58 6.18
CA ILE A 399 6.40 -14.96 6.80
C ILE A 399 6.66 -14.06 8.03
N GLY A 400 6.48 -12.76 7.80
CA GLY A 400 6.70 -11.71 8.80
C GLY A 400 5.88 -11.99 10.04
N PHE A 401 4.54 -12.07 9.90
CA PHE A 401 3.70 -12.25 11.07
C PHE A 401 3.94 -13.56 11.77
N THR A 402 4.07 -14.64 10.96
CA THR A 402 4.18 -15.93 11.60
C THR A 402 5.46 -16.07 12.39
N ARG A 403 6.55 -15.63 11.78
CA ARG A 403 7.82 -15.81 12.45
C ARG A 403 7.99 -14.88 13.65
N LEU A 404 7.45 -13.66 13.54
CA LEU A 404 7.51 -12.71 14.69
C LEU A 404 6.88 -13.35 15.90
N PHE A 405 5.67 -13.87 15.76
CA PHE A 405 4.96 -14.45 16.92
C PHE A 405 5.48 -15.83 17.35
N ALA A 406 6.06 -16.58 16.40
CA ALA A 406 6.69 -17.87 16.72
C ALA A 406 7.98 -17.63 17.56
N ARG A 407 8.73 -16.58 17.24
CA ARG A 407 9.98 -16.25 17.97
C ARG A 407 9.78 -15.56 19.26
N PHE A 408 8.78 -14.72 19.30
CA PHE A 408 8.40 -13.97 20.52
C PHE A 408 6.92 -14.11 20.88
N PRO A 409 6.53 -15.27 21.40
CA PRO A 409 5.07 -15.44 21.64
C PRO A 409 4.54 -14.55 22.74
N SER A 410 5.43 -14.12 23.64
CA SER A 410 5.07 -13.22 24.72
C SER A 410 5.16 -11.72 24.32
N LEU A 411 5.25 -11.41 23.03
CA LEU A 411 5.35 -10.02 22.60
C LEU A 411 4.24 -9.19 23.21
N ARG A 412 4.56 -7.98 23.63
CA ARG A 412 3.52 -7.09 24.17
C ARG A 412 3.93 -5.69 23.86
N LEU A 413 2.98 -4.78 23.90
CA LEU A 413 3.29 -3.38 23.83
C LEU A 413 4.12 -2.92 25.01
N ALA A 414 5.06 -2.04 24.76
CA ALA A 414 5.94 -1.58 25.84
C ALA A 414 5.47 -0.19 26.40
N VAL A 415 4.41 0.33 25.82
CA VAL A 415 3.75 1.64 26.19
C VAL A 415 2.25 1.37 26.12
N PRO A 416 1.44 2.26 26.75
CA PRO A 416 0.01 2.13 26.51
C PRO A 416 -0.40 2.25 25.06
N ALA A 417 -1.43 1.51 24.66
CA ALA A 417 -1.97 1.62 23.30
C ALA A 417 -2.29 2.99 22.85
N GLU A 418 -2.81 3.83 23.78
CA GLU A 418 -3.16 5.17 23.48
C GLU A 418 -2.00 6.06 23.16
N GLU A 419 -0.76 5.64 23.53
CA GLU A 419 0.46 6.39 23.16
C GLU A 419 1.04 6.04 21.79
N ILE A 420 0.49 5.01 21.13
CA ILE A 420 0.97 4.73 19.77
C ILE A 420 0.48 5.77 18.80
N LYS A 421 1.39 6.43 18.09
CA LYS A 421 1.11 7.43 17.11
C LYS A 421 0.90 6.81 15.71
N LEU A 422 -0.16 7.27 15.05
CA LEU A 422 -0.59 6.75 13.76
C LEU A 422 -0.39 7.68 12.56
N ARG A 423 -0.20 7.09 11.37
CA ARG A 423 0.14 7.79 10.15
C ARG A 423 -1.12 8.34 9.51
N GLU A 424 -1.86 9.16 10.24
CA GLU A 424 -3.06 9.79 9.71
C GLU A 424 -2.80 10.72 8.49
N LYS A 425 -1.58 11.26 8.38
CA LYS A 425 -1.25 12.22 7.31
C LYS A 425 -0.39 11.58 6.22
N SER A 426 -0.37 10.26 6.14
CA SER A 426 0.20 9.56 5.00
C SER A 426 -0.93 8.91 4.24
N ALA A 427 -0.72 8.78 2.97
CA ALA A 427 -1.61 8.02 2.12
C ALA A 427 -1.60 6.52 2.47
N ALA A 428 -0.53 6.02 3.06
CA ALA A 428 -0.49 4.66 3.55
C ALA A 428 -0.55 4.76 5.04
N TYR A 429 -1.65 4.27 5.61
CA TYR A 429 -1.87 4.29 7.06
C TYR A 429 -0.94 3.25 7.78
N GLY A 430 -0.67 3.48 9.04
CA GLY A 430 0.26 2.59 9.81
C GLY A 430 0.61 3.28 11.13
N VAL A 431 1.65 2.80 11.76
CA VAL A 431 2.10 3.32 13.10
C VAL A 431 3.44 3.97 12.81
N TRP A 432 3.72 5.12 13.46
CA TRP A 432 5.02 5.75 13.25
C TRP A 432 6.17 5.03 14.03
N ALA A 433 5.81 4.48 15.15
CA ALA A 433 6.62 3.70 16.04
C ALA A 433 5.79 2.73 16.89
N LEU A 434 6.35 1.59 17.25
CA LEU A 434 5.67 0.57 18.04
C LEU A 434 6.59 -0.05 19.04
N PRO A 435 6.65 0.60 20.22
CA PRO A 435 7.45 0.03 21.28
C PRO A 435 6.90 -1.31 21.74
N VAL A 436 7.73 -2.34 21.66
CA VAL A 436 7.39 -3.68 22.09
C VAL A 436 8.39 -4.32 23.01
N ALA A 437 7.92 -5.23 23.82
CA ALA A 437 8.69 -6.00 24.71
C ALA A 437 8.27 -7.44 24.71
N TRP A 438 8.97 -8.29 25.48
CA TRP A 438 8.68 -9.71 25.55
C TRP A 438 9.47 -10.28 26.75
N ASP A 439 9.24 -11.53 27.06
CA ASP A 439 9.94 -12.19 28.18
C ASP A 439 11.28 -12.65 27.58
N ALA A 440 12.35 -12.04 27.99
CA ALA A 440 13.68 -12.27 27.34
C ALA A 440 14.27 -13.67 27.59
#